data_6TQ1
#
_entry.id   6TQ1
#
_cell.length_a   114.931
_cell.length_b   55.606
_cell.length_c   68.023
_cell.angle_alpha   90.000
_cell.angle_beta   94.434
_cell.angle_gamma   90.000
#
_symmetry.space_group_name_H-M   'C 1 2 1'
#
loop_
_entity.id
_entity.type
_entity.pdbx_description
1 polymer 'Bromodomain-containing protein 2'
2 non-polymer 'SULFATE ION'
3 non-polymer 5-(3-methoxyphenyl)-1-methyl-pyridin-2-one
4 non-polymer 1,2-ETHANEDIOL
5 water water
#
_entity_poly.entity_id   1
_entity_poly.type   'polypeptide(L)'
_entity_poly.pdbx_seq_one_letter_code
;MGSSHHHHHHSSGLVPRGSHMSNPKKPGRVTNQLQYLHKVVMKALWKHQFAWPFRQPVDAVKLGLPDYHKIIKQPMDMGT
IKRRLENNYYWAASECMQDFNTMFTNCYIYNKPTDDIVLMAQTLEKIFLQKVASMPQEEQELVVTIPKNSHKKGA
;
_entity_poly.pdbx_strand_id   AAA,BBB,CCC
#
# COMPACT_ATOMS: atom_id res chain seq x y z
N VAL A 30 -13.72 -8.25 9.32
CA VAL A 30 -12.34 -7.84 9.72
C VAL A 30 -11.34 -8.87 9.18
N THR A 31 -10.86 -8.68 7.94
CA THR A 31 -9.80 -9.52 7.31
C THR A 31 -8.44 -8.94 7.68
N ASN A 32 -7.39 -9.75 7.59
CA ASN A 32 -5.97 -9.34 7.76
C ASN A 32 -5.66 -8.18 6.80
N GLN A 33 -6.12 -8.30 5.55
CA GLN A 33 -5.82 -7.34 4.45
C GLN A 33 -6.47 -5.98 4.75
N LEU A 34 -7.71 -5.97 5.21
CA LEU A 34 -8.46 -4.72 5.49
C LEU A 34 -7.82 -4.00 6.69
N GLN A 35 -7.33 -4.74 7.68
CA GLN A 35 -6.60 -4.17 8.83
C GLN A 35 -5.32 -3.51 8.33
N TYR A 36 -4.62 -4.15 7.39
CA TYR A 36 -3.39 -3.61 6.77
C TYR A 36 -3.76 -2.30 6.05
N LEU A 37 -4.85 -2.31 5.27
CA LEU A 37 -5.28 -1.12 4.49
C LEU A 37 -5.64 0.03 5.45
N HIS A 38 -6.20 -0.28 6.62
CA HIS A 38 -6.57 0.74 7.64
C HIS A 38 -5.30 1.25 8.35
N LYS A 39 -4.48 0.34 8.89
CA LYS A 39 -3.39 0.68 9.84
C LYS A 39 -2.11 1.09 9.12
N VAL A 40 -1.84 0.58 7.91
CA VAL A 40 -0.59 0.91 7.17
C VAL A 40 -0.94 1.93 6.06
N VAL A 41 -1.87 1.60 5.16
CA VAL A 41 -2.12 2.40 3.93
C VAL A 41 -2.83 3.71 4.31
N MET A 42 -4.04 3.66 4.86
CA MET A 42 -4.82 4.87 5.19
C MET A 42 -4.06 5.73 6.19
N LYS A 43 -3.43 5.11 7.19
CA LYS A 43 -2.60 5.83 8.21
C LYS A 43 -1.58 6.71 7.48
N ALA A 44 -0.80 6.13 6.56
CA ALA A 44 0.26 6.82 5.78
C ALA A 44 -0.34 7.92 4.90
N LEU A 45 -1.46 7.65 4.22
CA LEU A 45 -2.01 8.63 3.24
C LEU A 45 -2.76 9.76 3.95
N TRP A 46 -3.49 9.46 5.03
CA TRP A 46 -4.37 10.44 5.71
C TRP A 46 -3.54 11.61 6.25
N LYS A 47 -2.33 11.35 6.74
CA LYS A 47 -1.48 12.38 7.42
C LYS A 47 -0.47 13.00 6.46
N HIS A 48 -0.43 12.54 5.19
CA HIS A 48 0.52 13.06 4.16
C HIS A 48 0.21 14.53 3.88
N GLN A 49 1.26 15.31 3.60
CA GLN A 49 1.15 16.79 3.40
C GLN A 49 0.36 17.11 2.13
N PHE A 50 0.17 16.17 1.20
CA PHE A 50 -0.62 16.39 -0.05
C PHE A 50 -2.03 15.80 0.10
N ALA A 51 -2.41 15.28 1.27
CA ALA A 51 -3.70 14.57 1.44
C ALA A 51 -4.89 15.54 1.51
N TRP A 52 -4.68 16.79 1.93
CA TRP A 52 -5.79 17.69 2.37
C TRP A 52 -6.86 17.85 1.28
N PRO A 53 -6.57 17.94 -0.04
CA PRO A 53 -7.63 18.04 -1.05
C PRO A 53 -8.48 16.78 -1.22
N PHE A 54 -8.05 15.65 -0.64
CA PHE A 54 -8.65 14.31 -0.85
C PHE A 54 -9.36 13.82 0.42
N ARG A 55 -9.30 14.59 1.51
CA ARG A 55 -9.79 14.16 2.86
C ARG A 55 -11.32 14.26 2.95
N GLN A 56 -11.96 15.00 2.06
CA GLN A 56 -13.43 15.20 2.04
C GLN A 56 -13.91 15.18 0.59
N PRO A 57 -15.21 14.94 0.33
CA PRO A 57 -15.74 14.98 -1.03
C PRO A 57 -15.40 16.31 -1.71
N VAL A 58 -15.14 16.25 -3.02
CA VAL A 58 -15.01 17.45 -3.89
C VAL A 58 -16.29 18.28 -3.73
N ASP A 59 -16.14 19.54 -3.31
CA ASP A 59 -17.24 20.52 -3.17
C ASP A 59 -17.23 21.40 -4.42
N ALA A 60 -18.01 21.02 -5.43
CA ALA A 60 -18.08 21.66 -6.76
C ALA A 60 -18.51 23.12 -6.64
N VAL A 61 -19.39 23.44 -5.69
CA VAL A 61 -19.91 24.82 -5.45
C VAL A 61 -18.74 25.65 -4.89
N LYS A 62 -18.16 25.22 -3.78
CA LYS A 62 -16.98 25.84 -3.13
C LYS A 62 -15.85 26.05 -4.14
N LEU A 63 -15.57 25.05 -5.00
CA LEU A 63 -14.39 25.08 -5.91
C LEU A 63 -14.76 25.72 -7.26
N GLY A 64 -16.04 25.99 -7.50
CA GLY A 64 -16.53 26.61 -8.75
C GLY A 64 -16.31 25.68 -9.93
N LEU A 65 -16.77 24.43 -9.81
CA LEU A 65 -16.62 23.34 -10.80
C LEU A 65 -18.00 22.80 -11.17
N PRO A 66 -18.87 23.58 -11.85
CA PRO A 66 -20.24 23.15 -12.13
C PRO A 66 -20.35 21.93 -13.06
N ASP A 67 -19.26 21.57 -13.75
CA ASP A 67 -19.22 20.37 -14.65
C ASP A 67 -18.68 19.15 -13.90
N TYR A 68 -18.24 19.30 -12.64
CA TYR A 68 -17.56 18.18 -11.91
C TYR A 68 -18.46 16.94 -11.86
N HIS A 69 -19.72 17.08 -11.46
CA HIS A 69 -20.64 15.93 -11.27
C HIS A 69 -21.18 15.43 -12.62
N LYS A 70 -21.01 16.20 -13.69
CA LYS A 70 -21.30 15.76 -15.08
C LYS A 70 -20.19 14.82 -15.58
N ILE A 71 -18.93 15.10 -15.23
CA ILE A 71 -17.77 14.31 -15.74
C ILE A 71 -17.49 13.15 -14.80
N ILE A 72 -17.55 13.37 -13.48
CA ILE A 72 -17.26 12.32 -12.46
C ILE A 72 -18.58 11.78 -11.91
N LYS A 73 -18.88 10.53 -12.20
CA LYS A 73 -20.19 9.87 -11.87
C LYS A 73 -20.10 9.18 -10.51
N GLN A 74 -18.90 8.85 -10.04
CA GLN A 74 -18.70 8.15 -8.76
C GLN A 74 -17.63 8.90 -7.97
N PRO A 75 -18.02 9.98 -7.25
CA PRO A 75 -17.08 10.71 -6.42
C PRO A 75 -16.56 9.78 -5.32
N MET A 76 -15.29 9.95 -4.94
CA MET A 76 -14.70 9.17 -3.84
C MET A 76 -13.60 10.01 -3.20
N ASP A 77 -13.35 9.79 -1.91
CA ASP A 77 -12.43 10.62 -1.08
C ASP A 77 -11.97 9.76 0.10
N MET A 78 -10.87 10.16 0.74
CA MET A 78 -10.25 9.40 1.85
C MET A 78 -11.18 9.40 3.08
N GLY A 79 -11.90 10.49 3.32
CA GLY A 79 -12.88 10.59 4.41
C GLY A 79 -13.85 9.43 4.35
N THR A 80 -14.49 9.26 3.19
CA THR A 80 -15.40 8.13 2.89
C THR A 80 -14.70 6.78 3.08
N ILE A 81 -13.50 6.60 2.52
CA ILE A 81 -12.77 5.29 2.61
C ILE A 81 -12.47 5.00 4.10
N LYS A 82 -11.98 6.02 4.83
CA LYS A 82 -11.61 5.93 6.26
C LYS A 82 -12.83 5.53 7.09
N ARG A 83 -13.95 6.23 6.89
CA ARG A 83 -15.26 5.93 7.52
C ARG A 83 -15.62 4.45 7.25
N ARG A 84 -15.58 4.05 5.98
CA ARG A 84 -15.90 2.66 5.54
C ARG A 84 -14.98 1.64 6.25
N LEU A 85 -13.68 1.93 6.38
CA LEU A 85 -12.72 1.03 7.09
C LEU A 85 -13.10 0.96 8.58
N GLU A 86 -13.41 2.12 9.19
CA GLU A 86 -13.80 2.23 10.63
C GLU A 86 -15.10 1.47 10.88
N ASN A 87 -16.06 1.51 9.94
CA ASN A 87 -17.43 0.95 10.11
C ASN A 87 -17.55 -0.47 9.52
N ASN A 88 -16.43 -1.11 9.16
CA ASN A 88 -16.41 -2.48 8.58
C ASN A 88 -17.41 -2.60 7.42
N TYR A 89 -17.38 -1.65 6.48
CA TYR A 89 -18.24 -1.58 5.27
C TYR A 89 -17.77 -2.62 4.23
N TYR A 90 -16.45 -2.83 4.11
CA TYR A 90 -15.85 -3.64 3.04
C TYR A 90 -15.87 -5.12 3.38
N TRP A 91 -16.15 -5.96 2.38
CA TRP A 91 -16.17 -7.45 2.48
C TRP A 91 -14.82 -8.02 2.03
N ALA A 92 -14.06 -7.28 1.22
CA ALA A 92 -12.74 -7.70 0.71
C ALA A 92 -11.82 -6.49 0.53
N ALA A 93 -10.49 -6.72 0.60
CA ALA A 93 -9.43 -5.69 0.40
C ALA A 93 -9.60 -5.02 -0.97
N SER A 94 -9.80 -5.83 -2.02
CA SER A 94 -10.00 -5.40 -3.42
C SER A 94 -11.03 -4.27 -3.54
N GLU A 95 -12.11 -4.31 -2.74
N GLU A 95 -12.10 -4.31 -2.74
CA GLU A 95 -13.21 -3.30 -2.76
CA GLU A 95 -13.21 -3.33 -2.73
C GLU A 95 -12.70 -1.95 -2.24
C GLU A 95 -12.71 -1.97 -2.23
N CYS A 96 -11.94 -1.97 -1.14
CA CYS A 96 -11.29 -0.78 -0.55
C CYS A 96 -10.26 -0.24 -1.56
N MET A 97 -9.50 -1.15 -2.19
CA MET A 97 -8.46 -0.79 -3.18
C MET A 97 -9.12 -0.09 -4.39
N GLN A 98 -10.30 -0.55 -4.82
CA GLN A 98 -11.04 0.05 -5.97
C GLN A 98 -11.49 1.47 -5.59
N ASP A 99 -11.90 1.72 -4.33
CA ASP A 99 -12.30 3.07 -3.86
C ASP A 99 -11.10 4.03 -3.93
N PHE A 100 -9.93 3.62 -3.43
CA PHE A 100 -8.67 4.40 -3.56
C PHE A 100 -8.43 4.69 -5.05
N ASN A 101 -8.51 3.65 -5.88
CA ASN A 101 -8.27 3.77 -7.35
C ASN A 101 -9.27 4.75 -7.97
N THR A 102 -10.55 4.67 -7.62
CA THR A 102 -11.61 5.60 -8.12
C THR A 102 -11.23 7.04 -7.76
N MET A 103 -10.83 7.27 -6.51
CA MET A 103 -10.46 8.62 -6.01
C MET A 103 -9.34 9.20 -6.90
N PHE A 104 -8.29 8.43 -7.15
CA PHE A 104 -7.12 8.91 -7.94
C PHE A 104 -7.55 9.10 -9.39
N THR A 105 -8.29 8.13 -9.94
CA THR A 105 -8.70 8.13 -11.37
C THR A 105 -9.63 9.32 -11.64
N ASN A 106 -10.57 9.59 -10.74
CA ASN A 106 -11.46 10.78 -10.83
C ASN A 106 -10.61 12.04 -11.02
N CYS A 107 -9.56 12.15 -10.22
CA CYS A 107 -8.64 13.31 -10.25
C CYS A 107 -7.93 13.40 -11.62
N TYR A 108 -7.40 12.30 -12.15
CA TYR A 108 -6.66 12.32 -13.45
C TYR A 108 -7.63 12.64 -14.61
N ILE A 109 -8.86 12.15 -14.52
CA ILE A 109 -9.85 12.27 -15.62
C ILE A 109 -10.38 13.71 -15.67
N TYR A 110 -10.72 14.29 -14.52
CA TYR A 110 -11.38 15.62 -14.45
C TYR A 110 -10.37 16.73 -14.70
N ASN A 111 -9.21 16.70 -14.06
CA ASN A 111 -8.32 17.89 -13.96
C ASN A 111 -7.47 18.04 -15.24
N LYS A 112 -6.91 19.23 -15.44
CA LYS A 112 -5.93 19.50 -16.53
C LYS A 112 -4.64 18.78 -16.18
N PRO A 113 -3.92 18.21 -17.16
CA PRO A 113 -2.66 17.49 -16.91
C PRO A 113 -1.63 18.26 -16.08
N THR A 114 -1.66 19.60 -16.16
CA THR A 114 -0.65 20.51 -15.55
C THR A 114 -1.10 20.98 -14.16
N ASP A 115 -2.31 20.64 -13.73
CA ASP A 115 -2.84 21.08 -12.41
C ASP A 115 -2.01 20.42 -11.32
N ASP A 116 -1.63 21.19 -10.30
CA ASP A 116 -0.89 20.67 -9.11
C ASP A 116 -1.61 19.47 -8.49
N ILE A 117 -2.94 19.45 -8.46
CA ILE A 117 -3.75 18.37 -7.80
C ILE A 117 -3.34 17.01 -8.40
N VAL A 118 -3.01 16.98 -9.69
CA VAL A 118 -2.63 15.74 -10.41
C VAL A 118 -1.31 15.21 -9.83
N LEU A 119 -0.33 16.10 -9.61
N LEU A 119 -0.34 16.09 -9.59
CA LEU A 119 0.99 15.75 -8.99
CA LEU A 119 0.98 15.73 -9.00
C LEU A 119 0.73 15.17 -7.60
C LEU A 119 0.78 15.23 -7.57
N MET A 120 -0.15 15.84 -6.82
CA MET A 120 -0.47 15.44 -5.44
C MET A 120 -1.09 14.04 -5.45
N ALA A 121 -2.07 13.80 -6.33
CA ALA A 121 -2.70 12.48 -6.53
C ALA A 121 -1.62 11.45 -6.89
N GLN A 122 -0.73 11.75 -7.85
CA GLN A 122 0.32 10.80 -8.30
C GLN A 122 1.21 10.43 -7.11
N THR A 123 1.58 11.40 -6.27
CA THR A 123 2.47 11.20 -5.09
C THR A 123 1.80 10.24 -4.11
N LEU A 124 0.53 10.49 -3.77
CA LEU A 124 -0.25 9.66 -2.83
C LEU A 124 -0.40 8.25 -3.39
N GLU A 125 -0.70 8.14 -4.68
CA GLU A 125 -0.97 6.84 -5.33
C GLU A 125 0.31 5.98 -5.35
N LYS A 126 1.47 6.60 -5.55
N LYS A 126 1.47 6.60 -5.56
CA LYS A 126 2.78 5.89 -5.52
CA LYS A 126 2.77 5.89 -5.51
C LYS A 126 2.95 5.25 -4.13
C LYS A 126 2.91 5.22 -4.12
N ILE A 127 2.55 5.94 -3.06
CA ILE A 127 2.64 5.41 -1.66
C ILE A 127 1.61 4.29 -1.51
N PHE A 128 0.40 4.52 -2.01
CA PHE A 128 -0.68 3.49 -2.02
C PHE A 128 -0.11 2.18 -2.59
N LEU A 129 0.47 2.24 -3.79
CA LEU A 129 0.94 1.03 -4.53
C LEU A 129 2.14 0.40 -3.80
N GLN A 130 3.08 1.22 -3.31
CA GLN A 130 4.24 0.77 -2.53
C GLN A 130 3.75 -0.07 -1.34
N LYS A 131 2.77 0.43 -0.59
CA LYS A 131 2.28 -0.22 0.64
C LYS A 131 1.45 -1.45 0.25
N VAL A 132 0.68 -1.38 -0.83
CA VAL A 132 -0.21 -2.51 -1.28
C VAL A 132 0.67 -3.68 -1.73
N ALA A 133 1.87 -3.42 -2.24
CA ALA A 133 2.84 -4.46 -2.67
C ALA A 133 3.24 -5.36 -1.49
N SER A 134 3.07 -4.90 -0.24
CA SER A 134 3.48 -5.61 1.00
C SER A 134 2.26 -6.04 1.81
N MET A 135 1.05 -5.92 1.26
CA MET A 135 -0.19 -6.34 1.94
C MET A 135 -0.19 -7.87 2.06
N PRO A 136 -0.65 -8.45 3.19
CA PRO A 136 -0.72 -9.90 3.31
C PRO A 136 -1.70 -10.48 2.27
N GLN A 137 -1.48 -11.74 1.87
CA GLN A 137 -2.44 -12.49 1.01
C GLN A 137 -3.61 -12.95 1.89
N GLU A 138 -4.61 -13.60 1.30
CA GLU A 138 -5.82 -14.13 1.98
C GLU A 138 -6.74 -12.97 2.37
N GLY B 28 19.16 -6.64 -12.29
CA GLY B 28 17.88 -6.93 -11.58
C GLY B 28 17.96 -8.23 -10.79
N ARG B 29 16.81 -8.87 -10.58
CA ARG B 29 16.69 -10.21 -9.93
C ARG B 29 15.31 -10.81 -10.18
N VAL B 30 15.13 -12.08 -9.81
CA VAL B 30 13.85 -12.84 -9.91
C VAL B 30 13.32 -13.07 -8.50
N THR B 31 12.06 -12.67 -8.24
CA THR B 31 11.32 -12.92 -6.98
C THR B 31 10.05 -13.70 -7.32
N ASN B 32 9.42 -14.30 -6.31
CA ASN B 32 8.09 -14.94 -6.39
C ASN B 32 7.08 -13.91 -6.94
N GLN B 33 7.14 -12.68 -6.44
CA GLN B 33 6.19 -11.57 -6.76
C GLN B 33 6.34 -11.15 -8.23
N LEU B 34 7.58 -10.96 -8.71
CA LEU B 34 7.83 -10.54 -10.11
C LEU B 34 7.41 -11.68 -11.06
N GLN B 35 7.60 -12.95 -10.66
CA GLN B 35 7.11 -14.12 -11.42
C GLN B 35 5.58 -14.10 -11.48
N TYR B 36 4.91 -13.82 -10.34
CA TYR B 36 3.44 -13.71 -10.23
C TYR B 36 2.94 -12.57 -11.13
N LEU B 37 3.57 -11.40 -11.06
CA LEU B 37 3.22 -10.22 -11.88
C LEU B 37 3.37 -10.58 -13.36
N HIS B 38 4.34 -11.42 -13.71
CA HIS B 38 4.60 -11.85 -15.10
C HIS B 38 3.58 -12.91 -15.53
N LYS B 39 3.47 -14.02 -14.80
CA LYS B 39 2.74 -15.25 -15.24
C LYS B 39 1.25 -15.16 -14.90
N VAL B 40 0.87 -14.47 -13.82
CA VAL B 40 -0.56 -14.37 -13.37
C VAL B 40 -1.15 -13.05 -13.86
N VAL B 41 -0.56 -11.90 -13.48
CA VAL B 41 -1.17 -10.56 -13.68
C VAL B 41 -1.04 -10.17 -15.15
N MET B 42 0.18 -10.02 -15.67
CA MET B 42 0.42 -9.58 -17.07
C MET B 42 -0.27 -10.56 -18.04
N LYS B 43 -0.19 -11.88 -17.83
CA LYS B 43 -0.78 -12.86 -18.77
C LYS B 43 -2.29 -12.59 -18.92
N ALA B 44 -2.99 -12.41 -17.81
CA ALA B 44 -4.45 -12.11 -17.74
C ALA B 44 -4.77 -10.80 -18.47
N LEU B 45 -4.04 -9.72 -18.17
CA LEU B 45 -4.29 -8.39 -18.78
C LEU B 45 -4.00 -8.46 -20.28
N TRP B 46 -2.89 -9.10 -20.66
CA TRP B 46 -2.38 -9.13 -22.06
C TRP B 46 -3.45 -9.66 -23.01
N LYS B 47 -4.14 -10.72 -22.58
CA LYS B 47 -5.10 -11.52 -23.39
C LYS B 47 -6.48 -10.88 -23.39
N HIS B 48 -6.70 -9.86 -22.56
CA HIS B 48 -8.02 -9.21 -22.38
C HIS B 48 -8.43 -8.54 -23.70
N GLN B 49 -9.72 -8.55 -24.03
CA GLN B 49 -10.28 -7.97 -25.29
C GLN B 49 -10.06 -6.44 -25.35
N PHE B 50 -9.81 -5.78 -24.23
CA PHE B 50 -9.52 -4.32 -24.19
C PHE B 50 -8.02 -4.04 -24.12
N ALA B 51 -7.15 -5.06 -24.20
CA ALA B 51 -5.69 -4.92 -23.99
C ALA B 51 -4.97 -4.35 -25.23
N TRP B 52 -5.52 -4.52 -26.44
CA TRP B 52 -4.77 -4.29 -27.71
C TRP B 52 -4.15 -2.89 -27.80
N PRO B 53 -4.80 -1.79 -27.35
CA PRO B 53 -4.16 -0.48 -27.42
C PRO B 53 -2.98 -0.28 -26.45
N PHE B 54 -2.79 -1.19 -25.49
CA PHE B 54 -1.82 -1.06 -24.39
C PHE B 54 -0.62 -2.02 -24.55
N ARG B 55 -0.59 -2.85 -25.60
CA ARG B 55 0.41 -3.94 -25.76
C ARG B 55 1.72 -3.43 -26.37
N GLN B 56 1.74 -2.20 -26.90
CA GLN B 56 2.94 -1.56 -27.51
C GLN B 56 2.91 -0.07 -27.16
N PRO B 57 4.06 0.64 -27.25
CA PRO B 57 4.08 2.09 -27.06
C PRO B 57 3.00 2.76 -27.93
N VAL B 58 2.36 3.80 -27.40
CA VAL B 58 1.51 4.73 -28.18
C VAL B 58 2.36 5.27 -29.33
N ASP B 59 1.91 5.11 -30.58
CA ASP B 59 2.56 5.65 -31.80
C ASP B 59 1.81 6.93 -32.17
N ALA B 60 2.31 8.08 -31.69
CA ALA B 60 1.68 9.41 -31.80
C ALA B 60 1.57 9.83 -33.28
N VAL B 61 2.61 9.55 -34.07
CA VAL B 61 2.66 9.84 -35.54
C VAL B 61 1.49 9.10 -36.20
N LYS B 62 1.43 7.77 -36.06
CA LYS B 62 0.42 6.91 -36.72
C LYS B 62 -1.00 7.32 -36.28
N LEU B 63 -1.19 7.61 -34.99
CA LEU B 63 -2.52 7.98 -34.41
C LEU B 63 -2.80 9.47 -34.64
N GLY B 64 -1.80 10.23 -35.09
CA GLY B 64 -1.91 11.69 -35.33
C GLY B 64 -2.21 12.42 -34.04
N LEU B 65 -1.35 12.23 -33.03
CA LEU B 65 -1.45 12.87 -31.69
C LEU B 65 -0.18 13.67 -31.44
N PRO B 66 -0.01 14.86 -32.07
CA PRO B 66 1.26 15.58 -32.03
C PRO B 66 1.55 16.15 -30.63
N ASP B 67 0.53 16.28 -29.79
CA ASP B 67 0.67 16.79 -28.40
C ASP B 67 0.96 15.66 -27.41
N TYR B 68 0.89 14.39 -27.83
CA TYR B 68 0.93 13.23 -26.89
C TYR B 68 2.21 13.33 -26.03
N HIS B 69 3.38 13.46 -26.67
CA HIS B 69 4.70 13.42 -25.99
C HIS B 69 4.99 14.75 -25.29
N LYS B 70 4.22 15.81 -25.58
CA LYS B 70 4.30 17.11 -24.88
C LYS B 70 3.53 17.04 -23.56
N ILE B 71 2.54 16.16 -23.46
CA ILE B 71 1.66 16.02 -22.26
C ILE B 71 2.14 14.84 -21.42
N ILE B 72 2.46 13.72 -22.07
CA ILE B 72 2.94 12.46 -21.41
C ILE B 72 4.46 12.41 -21.51
N LYS B 73 5.15 12.59 -20.37
CA LYS B 73 6.63 12.67 -20.31
C LYS B 73 7.25 11.28 -20.06
N GLN B 74 6.49 10.34 -19.48
CA GLN B 74 6.97 8.96 -19.24
C GLN B 74 6.01 7.96 -19.91
N PRO B 75 6.14 7.75 -21.23
CA PRO B 75 5.34 6.73 -21.91
C PRO B 75 5.55 5.38 -21.24
N MET B 76 4.51 4.56 -21.17
CA MET B 76 4.60 3.19 -20.64
C MET B 76 3.51 2.35 -21.28
N ASP B 77 3.77 1.05 -21.43
CA ASP B 77 2.89 0.11 -22.15
C ASP B 77 3.22 -1.30 -21.63
N MET B 78 2.31 -2.26 -21.81
N MET B 78 2.28 -2.25 -21.81
CA MET B 78 2.47 -3.62 -21.26
CA MET B 78 2.40 -3.64 -21.32
C MET B 78 3.60 -4.37 -21.99
C MET B 78 3.63 -4.32 -21.97
N GLY B 79 3.90 -4.00 -23.24
CA GLY B 79 5.03 -4.58 -24.01
C GLY B 79 6.37 -4.26 -23.35
N THR B 80 6.59 -3.00 -22.99
CA THR B 80 7.78 -2.52 -22.23
C THR B 80 7.84 -3.27 -20.88
N ILE B 81 6.73 -3.35 -20.15
CA ILE B 81 6.67 -3.98 -18.80
C ILE B 81 7.01 -5.48 -18.94
N LYS B 82 6.44 -6.12 -19.95
CA LYS B 82 6.63 -7.58 -20.21
C LYS B 82 8.12 -7.85 -20.46
N ARG B 83 8.73 -7.09 -21.37
CA ARG B 83 10.16 -7.16 -21.73
C ARG B 83 11.01 -6.93 -20.47
N ARG B 84 10.60 -5.99 -19.62
CA ARG B 84 11.33 -5.64 -18.37
C ARG B 84 11.28 -6.82 -17.41
N LEU B 85 10.13 -7.49 -17.29
CA LEU B 85 9.96 -8.66 -16.41
C LEU B 85 10.82 -9.82 -16.94
N GLU B 86 10.91 -9.97 -18.27
CA GLU B 86 11.64 -11.07 -18.97
C GLU B 86 13.16 -10.84 -18.93
N ASN B 87 13.61 -9.58 -18.92
CA ASN B 87 15.05 -9.20 -18.94
C ASN B 87 15.54 -8.88 -17.51
N ASN B 88 14.77 -9.23 -16.48
CA ASN B 88 15.13 -9.03 -15.05
C ASN B 88 15.56 -7.57 -14.82
N TYR B 89 14.75 -6.62 -15.29
CA TYR B 89 14.98 -5.16 -15.11
C TYR B 89 14.58 -4.74 -13.68
N TYR B 90 13.51 -5.32 -13.15
CA TYR B 90 12.92 -4.91 -11.84
C TYR B 90 13.68 -5.56 -10.68
N TRP B 91 13.90 -4.80 -9.60
N TRP B 91 13.89 -4.77 -9.61
CA TRP B 91 14.52 -5.29 -8.34
CA TRP B 91 14.51 -5.19 -8.33
C TRP B 91 13.42 -5.68 -7.34
C TRP B 91 13.43 -5.64 -7.34
N ALA B 92 12.21 -5.11 -7.47
CA ALA B 92 11.09 -5.36 -6.54
C ALA B 92 9.74 -5.24 -7.28
N ALA B 93 8.71 -5.92 -6.76
CA ALA B 93 7.33 -5.96 -7.32
C ALA B 93 6.78 -4.54 -7.46
N SER B 94 7.00 -3.70 -6.44
CA SER B 94 6.49 -2.30 -6.36
C SER B 94 6.93 -1.51 -7.60
N GLU B 95 8.16 -1.73 -8.10
CA GLU B 95 8.71 -1.01 -9.28
C GLU B 95 7.88 -1.35 -10.52
N CYS B 96 7.54 -2.62 -10.68
CA CYS B 96 6.71 -3.14 -11.79
C CYS B 96 5.29 -2.58 -11.66
N MET B 97 4.73 -2.62 -10.45
CA MET B 97 3.37 -2.10 -10.17
C MET B 97 3.31 -0.59 -10.50
N GLN B 98 4.41 0.14 -10.24
N GLN B 98 4.41 0.14 -10.24
CA GLN B 98 4.48 1.59 -10.55
CA GLN B 98 4.51 1.59 -10.55
C GLN B 98 4.41 1.78 -12.07
C GLN B 98 4.42 1.79 -12.06
N ASP B 99 5.07 0.93 -12.85
CA ASP B 99 5.02 0.99 -14.34
C ASP B 99 3.58 0.75 -14.82
N PHE B 100 2.90 -0.27 -14.30
CA PHE B 100 1.46 -0.52 -14.63
C PHE B 100 0.68 0.76 -14.35
N ASN B 101 0.90 1.36 -13.17
CA ASN B 101 0.15 2.58 -12.74
C ASN B 101 0.44 3.74 -13.72
N THR B 102 1.70 3.97 -14.09
CA THR B 102 2.04 5.04 -15.08
C THR B 102 1.31 4.82 -16.39
N MET B 103 1.25 3.58 -16.88
CA MET B 103 0.53 3.26 -18.13
C MET B 103 -0.93 3.73 -18.01
N PHE B 104 -1.63 3.38 -16.93
CA PHE B 104 -3.07 3.69 -16.77
C PHE B 104 -3.24 5.21 -16.58
N THR B 105 -2.40 5.81 -15.72
CA THR B 105 -2.49 7.26 -15.39
C THR B 105 -2.24 8.10 -16.66
N ASN B 106 -1.27 7.72 -17.49
CA ASN B 106 -0.99 8.39 -18.79
C ASN B 106 -2.27 8.46 -19.61
N CYS B 107 -2.98 7.34 -19.69
CA CYS B 107 -4.25 7.22 -20.47
C CYS B 107 -5.29 8.21 -19.92
N TYR B 108 -5.49 8.25 -18.61
CA TYR B 108 -6.52 9.08 -17.94
C TYR B 108 -6.17 10.57 -18.11
N ILE B 109 -4.88 10.89 -18.02
CA ILE B 109 -4.40 12.30 -18.07
C ILE B 109 -4.51 12.84 -19.50
N TYR B 110 -4.10 12.06 -20.50
CA TYR B 110 -4.04 12.53 -21.92
C TYR B 110 -5.44 12.59 -22.54
N ASN B 111 -6.22 11.53 -22.39
CA ASN B 111 -7.44 11.33 -23.22
C ASN B 111 -8.61 12.14 -22.64
N LYS B 112 -9.62 12.42 -23.47
CA LYS B 112 -10.90 13.04 -23.04
C LYS B 112 -11.64 12.06 -22.12
N PRO B 113 -12.34 12.54 -21.06
CA PRO B 113 -13.04 11.66 -20.14
C PRO B 113 -14.00 10.70 -20.88
N THR B 114 -14.54 11.14 -22.01
CA THR B 114 -15.62 10.44 -22.79
C THR B 114 -15.02 9.38 -23.72
N ASP B 115 -13.70 9.36 -23.93
CA ASP B 115 -13.06 8.44 -24.91
C ASP B 115 -13.19 7.01 -24.41
N ASP B 116 -13.51 6.06 -25.30
CA ASP B 116 -13.61 4.60 -24.99
C ASP B 116 -12.32 4.08 -24.34
N ILE B 117 -11.16 4.58 -24.76
CA ILE B 117 -9.84 4.11 -24.25
C ILE B 117 -9.80 4.26 -22.72
N VAL B 118 -10.48 5.27 -22.18
CA VAL B 118 -10.53 5.52 -20.70
C VAL B 118 -11.28 4.37 -20.02
N LEU B 119 -12.41 3.95 -20.60
N LEU B 119 -12.43 3.96 -20.59
CA LEU B 119 -13.22 2.84 -20.04
CA LEU B 119 -13.23 2.82 -20.07
C LEU B 119 -12.42 1.54 -20.15
C LEU B 119 -12.38 1.56 -20.12
N MET B 120 -11.67 1.38 -21.23
CA MET B 120 -10.81 0.18 -21.49
C MET B 120 -9.68 0.13 -20.45
N ALA B 121 -9.01 1.25 -20.20
CA ALA B 121 -7.95 1.34 -19.16
C ALA B 121 -8.55 1.00 -17.78
N GLN B 122 -9.71 1.58 -17.42
CA GLN B 122 -10.35 1.35 -16.10
C GLN B 122 -10.65 -0.13 -15.89
N THR B 123 -11.18 -0.82 -16.92
CA THR B 123 -11.50 -2.27 -16.87
C THR B 123 -10.21 -3.07 -16.59
N LEU B 124 -9.13 -2.76 -17.30
CA LEU B 124 -7.84 -3.49 -17.16
C LEU B 124 -7.29 -3.19 -15.77
N GLU B 125 -7.41 -1.93 -15.32
CA GLU B 125 -6.83 -1.50 -14.03
C GLU B 125 -7.53 -2.21 -12.87
N LYS B 126 -8.85 -2.45 -12.97
N LYS B 126 -8.85 -2.45 -12.97
CA LYS B 126 -9.63 -3.17 -11.94
CA LYS B 126 -9.63 -3.18 -11.95
C LYS B 126 -9.10 -4.60 -11.80
C LYS B 126 -9.08 -4.61 -11.80
N ILE B 127 -8.79 -5.28 -12.91
CA ILE B 127 -8.21 -6.66 -12.92
C ILE B 127 -6.84 -6.62 -12.26
N PHE B 128 -6.02 -5.66 -12.69
CA PHE B 128 -4.67 -5.42 -12.11
C PHE B 128 -4.76 -5.38 -10.58
N LEU B 129 -5.66 -4.58 -10.02
CA LEU B 129 -5.77 -4.38 -8.55
C LEU B 129 -6.29 -5.66 -7.87
N GLN B 130 -7.27 -6.31 -8.49
CA GLN B 130 -7.84 -7.60 -8.00
C GLN B 130 -6.73 -8.63 -7.88
N LYS B 131 -5.89 -8.77 -8.92
CA LYS B 131 -4.80 -9.76 -8.97
C LYS B 131 -3.67 -9.35 -8.02
N VAL B 132 -3.33 -8.06 -7.93
CA VAL B 132 -2.29 -7.54 -7.00
C VAL B 132 -2.69 -7.89 -5.55
N ALA B 133 -3.98 -7.84 -5.22
CA ALA B 133 -4.49 -8.14 -3.85
C ALA B 133 -4.20 -9.60 -3.47
N SER B 134 -3.99 -10.48 -4.45
CA SER B 134 -3.76 -11.95 -4.25
C SER B 134 -2.28 -12.30 -4.44
N MET B 135 -1.40 -11.31 -4.55
CA MET B 135 0.04 -11.53 -4.82
C MET B 135 0.67 -12.12 -3.55
N PRO B 136 1.54 -13.16 -3.67
CA PRO B 136 2.31 -13.67 -2.53
C PRO B 136 2.97 -12.54 -1.72
N GLN B 137 2.71 -12.50 -0.41
CA GLN B 137 2.83 -11.27 0.44
C GLN B 137 4.30 -10.84 0.60
N GLU B 138 5.19 -11.79 0.91
CA GLU B 138 6.62 -11.51 1.25
C GLU B 138 7.49 -11.91 0.04
N GLU B 139 8.33 -10.98 -0.43
CA GLU B 139 9.08 -11.08 -1.70
C GLU B 139 10.36 -11.91 -1.50
N GLN B 140 10.62 -12.85 -2.42
CA GLN B 140 11.84 -13.71 -2.45
C GLN B 140 12.86 -13.10 -3.41
N THR C 31 24.53 4.19 30.21
CA THR C 31 23.72 3.00 29.81
C THR C 31 23.71 2.87 28.28
N ASN C 32 24.82 2.39 27.71
CA ASN C 32 24.97 2.12 26.26
C ASN C 32 23.98 1.03 25.82
N GLN C 33 23.59 0.12 26.73
CA GLN C 33 22.68 -1.02 26.44
C GLN C 33 21.33 -0.48 25.98
N LEU C 34 20.71 0.40 26.76
CA LEU C 34 19.38 1.01 26.45
C LEU C 34 19.49 1.89 25.20
N GLN C 35 20.61 2.60 25.02
CA GLN C 35 20.88 3.42 23.81
C GLN C 35 20.91 2.50 22.59
N TYR C 36 21.55 1.34 22.73
CA TYR C 36 21.63 0.28 21.68
C TYR C 36 20.22 -0.27 21.40
N LEU C 37 19.48 -0.60 22.45
CA LEU C 37 18.10 -1.14 22.33
C LEU C 37 17.20 -0.13 21.59
N HIS C 38 17.43 1.18 21.83
CA HIS C 38 16.64 2.27 21.20
C HIS C 38 17.14 2.49 19.76
N LYS C 39 18.44 2.76 19.59
CA LYS C 39 19.02 3.30 18.34
C LYS C 39 19.34 2.18 17.34
N VAL C 40 19.44 0.92 17.77
CA VAL C 40 19.75 -0.22 16.87
C VAL C 40 18.56 -1.20 16.86
N VAL C 41 18.16 -1.74 18.02
CA VAL C 41 17.15 -2.82 18.07
C VAL C 41 15.80 -2.26 17.61
N MET C 42 15.26 -1.29 18.34
CA MET C 42 13.92 -0.71 18.04
C MET C 42 13.91 -0.06 16.66
N LYS C 43 14.98 0.64 16.27
CA LYS C 43 15.05 1.31 14.93
C LYS C 43 14.81 0.25 13.85
N ALA C 44 15.43 -0.93 13.97
CA ALA C 44 15.33 -2.05 13.00
C ALA C 44 13.93 -2.68 13.04
N LEU C 45 13.36 -2.91 14.23
CA LEU C 45 12.06 -3.61 14.39
C LEU C 45 10.90 -2.69 13.99
N TRP C 46 10.94 -1.42 14.38
CA TRP C 46 9.84 -0.45 14.15
C TRP C 46 9.50 -0.31 12.66
N LYS C 47 10.50 -0.26 11.79
CA LYS C 47 10.28 0.01 10.34
C LYS C 47 10.23 -1.30 9.54
N HIS C 48 10.42 -2.46 10.20
CA HIS C 48 10.29 -3.79 9.56
C HIS C 48 8.86 -3.94 9.01
N GLN C 49 8.69 -4.66 7.90
CA GLN C 49 7.39 -4.79 7.20
C GLN C 49 6.37 -5.55 8.06
N PHE C 50 6.82 -6.35 9.03
CA PHE C 50 5.94 -7.17 9.92
C PHE C 50 5.63 -6.45 11.25
N ALA C 51 6.09 -5.20 11.42
CA ALA C 51 5.93 -4.39 12.65
C ALA C 51 4.48 -3.96 12.88
N TRP C 52 3.68 -3.78 11.81
CA TRP C 52 2.44 -2.98 11.85
C TRP C 52 1.45 -3.50 12.90
N PRO C 53 1.23 -4.83 13.07
CA PRO C 53 0.30 -5.32 14.08
C PRO C 53 0.79 -5.06 15.52
N PHE C 54 2.06 -4.69 15.69
CA PHE C 54 2.74 -4.56 17.00
C PHE C 54 3.00 -3.09 17.37
N ARG C 55 2.67 -2.13 16.49
CA ARG C 55 3.10 -0.71 16.65
C ARG C 55 2.23 0.02 17.68
N GLN C 56 1.09 -0.55 18.07
CA GLN C 56 0.16 0.06 19.06
C GLN C 56 -0.50 -1.07 19.85
N PRO C 57 -1.04 -0.79 21.06
CA PRO C 57 -1.69 -1.81 21.87
C PRO C 57 -2.80 -2.53 21.09
N VAL C 58 -2.97 -3.82 21.35
CA VAL C 58 -4.15 -4.59 20.87
C VAL C 58 -5.40 -3.88 21.42
N ASP C 59 -6.26 -3.38 20.51
CA ASP C 59 -7.62 -2.89 20.84
C ASP C 59 -8.58 -4.08 20.66
N ALA C 60 -8.88 -4.77 21.76
CA ALA C 60 -9.75 -5.97 21.81
C ALA C 60 -11.16 -5.62 21.31
N VAL C 61 -11.64 -4.40 21.59
CA VAL C 61 -12.97 -3.90 21.14
C VAL C 61 -12.94 -3.78 19.62
N LYS C 62 -12.07 -2.93 19.07
CA LYS C 62 -12.00 -2.61 17.61
C LYS C 62 -11.72 -3.87 16.78
N LEU C 63 -10.85 -4.77 17.25
CA LEU C 63 -10.41 -5.98 16.50
C LEU C 63 -11.40 -7.14 16.72
N GLY C 64 -12.40 -6.96 17.59
CA GLY C 64 -13.42 -7.98 17.90
C GLY C 64 -12.81 -9.20 18.57
N LEU C 65 -12.06 -8.98 19.66
CA LEU C 65 -11.37 -10.02 20.46
C LEU C 65 -11.81 -9.92 21.92
N PRO C 66 -13.11 -10.15 22.24
CA PRO C 66 -13.60 -9.95 23.61
C PRO C 66 -12.93 -10.77 24.73
N ASP C 67 -12.19 -11.85 24.39
CA ASP C 67 -11.51 -12.72 25.39
C ASP C 67 -10.03 -12.32 25.55
N TYR C 68 -9.54 -11.39 24.74
CA TYR C 68 -8.09 -11.03 24.71
C TYR C 68 -7.56 -10.74 26.12
N HIS C 69 -8.24 -9.88 26.87
CA HIS C 69 -7.79 -9.43 28.22
C HIS C 69 -8.16 -10.46 29.29
N LYS C 70 -9.00 -11.46 28.99
CA LYS C 70 -9.21 -12.64 29.88
C LYS C 70 -7.98 -13.56 29.80
N ILE C 71 -7.42 -13.75 28.60
CA ILE C 71 -6.29 -14.69 28.35
C ILE C 71 -4.95 -13.96 28.62
N ILE C 72 -4.78 -12.74 28.13
CA ILE C 72 -3.50 -11.97 28.24
C ILE C 72 -3.58 -10.99 29.40
N LYS C 73 -2.73 -11.20 30.42
CA LYS C 73 -2.74 -10.47 31.71
C LYS C 73 -1.92 -9.17 31.61
N GLN C 74 -0.82 -9.17 30.84
CA GLN C 74 0.11 -8.01 30.69
C GLN C 74 0.27 -7.65 29.20
N PRO C 75 -0.65 -6.85 28.62
CA PRO C 75 -0.52 -6.41 27.24
C PRO C 75 0.79 -5.63 27.06
N MET C 76 1.40 -5.77 25.88
CA MET C 76 2.63 -5.01 25.53
C MET C 76 2.71 -4.87 24.00
N ASP C 77 3.34 -3.79 23.56
CA ASP C 77 3.43 -3.40 22.13
C ASP C 77 4.68 -2.55 21.93
N MET C 78 5.14 -2.43 20.68
CA MET C 78 6.38 -1.69 20.33
C MET C 78 6.16 -0.19 20.49
N GLY C 79 4.93 0.30 20.32
CA GLY C 79 4.59 1.73 20.56
C GLY C 79 4.93 2.11 21.99
N THR C 80 4.42 1.34 22.95
CA THR C 80 4.71 1.49 24.39
C THR C 80 6.22 1.40 24.64
N ILE C 81 6.89 0.38 24.09
CA ILE C 81 8.35 0.17 24.33
C ILE C 81 9.10 1.38 23.75
N LYS C 82 8.74 1.81 22.55
CA LYS C 82 9.41 2.94 21.85
C LYS C 82 9.31 4.20 22.72
N ARG C 83 8.10 4.51 23.19
CA ARG C 83 7.83 5.70 24.04
C ARG C 83 8.67 5.58 25.32
N ARG C 84 8.70 4.38 25.92
CA ARG C 84 9.46 4.14 27.16
C ARG C 84 10.95 4.41 26.93
N LEU C 85 11.51 3.97 25.80
CA LEU C 85 12.94 4.19 25.48
C LEU C 85 13.19 5.69 25.27
N GLU C 86 12.28 6.38 24.59
CA GLU C 86 12.35 7.84 24.31
C GLU C 86 12.36 8.63 25.63
N ASN C 87 11.61 8.17 26.65
CA ASN C 87 11.31 8.93 27.89
C ASN C 87 12.20 8.47 29.06
N ASN C 88 13.25 7.68 28.80
CA ASN C 88 14.22 7.18 29.80
C ASN C 88 13.51 6.34 30.87
N TYR C 89 12.41 5.67 30.54
CA TYR C 89 11.56 4.90 31.50
C TYR C 89 12.37 3.76 32.14
N TYR C 90 13.11 3.00 31.33
CA TYR C 90 13.77 1.74 31.75
C TYR C 90 15.03 2.04 32.59
N TRP C 91 15.28 1.21 33.60
CA TRP C 91 16.51 1.26 34.45
C TRP C 91 17.60 0.36 33.89
N ALA C 92 17.21 -0.86 33.51
CA ALA C 92 18.11 -1.90 32.94
C ALA C 92 17.60 -2.28 31.54
N ALA C 93 18.53 -2.66 30.67
CA ALA C 93 18.26 -3.27 29.34
C ALA C 93 17.30 -4.45 29.52
N SER C 94 17.47 -5.21 30.61
CA SER C 94 16.68 -6.43 30.94
C SER C 94 15.17 -6.12 30.93
N GLU C 95 14.75 -4.98 31.48
CA GLU C 95 13.33 -4.55 31.58
C GLU C 95 12.73 -4.38 30.17
N CYS C 96 13.49 -3.76 29.27
CA CYS C 96 13.10 -3.49 27.87
C CYS C 96 13.03 -4.83 27.11
N MET C 97 14.02 -5.69 27.34
CA MET C 97 14.07 -7.05 26.74
C MET C 97 12.84 -7.85 27.18
N GLN C 98 12.48 -7.80 28.48
N GLN C 98 12.46 -7.80 28.47
CA GLN C 98 11.31 -8.51 29.05
CA GLN C 98 11.28 -8.56 28.96
C GLN C 98 10.01 -7.98 28.39
C GLN C 98 10.00 -8.00 28.34
N ASP C 99 9.94 -6.68 28.09
CA ASP C 99 8.76 -6.06 27.42
C ASP C 99 8.64 -6.60 25.98
N PHE C 100 9.73 -6.60 25.21
CA PHE C 100 9.76 -7.29 23.89
C PHE C 100 9.27 -8.73 24.03
N ASN C 101 9.79 -9.46 25.02
CA ASN C 101 9.47 -10.90 25.19
C ASN C 101 7.98 -11.06 25.49
N THR C 102 7.43 -10.22 26.36
CA THR C 102 5.99 -10.24 26.73
C THR C 102 5.16 -10.03 25.47
N MET C 103 5.49 -9.01 24.68
CA MET C 103 4.78 -8.71 23.42
C MET C 103 4.75 -9.97 22.54
N PHE C 104 5.90 -10.59 22.29
CA PHE C 104 5.96 -11.79 21.41
C PHE C 104 5.17 -12.94 22.05
N THR C 105 5.37 -13.21 23.34
CA THR C 105 4.71 -14.35 24.04
C THR C 105 3.19 -14.19 24.02
N ASN C 106 2.67 -13.01 24.37
CA ASN C 106 1.22 -12.71 24.28
C ASN C 106 0.68 -13.19 22.93
N CYS C 107 1.38 -12.83 21.84
CA CYS C 107 0.98 -13.14 20.45
C CYS C 107 0.92 -14.65 20.26
N TYR C 108 1.94 -15.38 20.73
CA TYR C 108 2.03 -16.86 20.57
C TYR C 108 0.92 -17.53 21.38
N ILE C 109 0.64 -17.00 22.58
CA ILE C 109 -0.34 -17.63 23.51
C ILE C 109 -1.75 -17.41 22.96
N TYR C 110 -2.08 -16.18 22.56
CA TYR C 110 -3.47 -15.81 22.19
C TYR C 110 -3.84 -16.38 20.82
N ASN C 111 -2.96 -16.26 19.82
CA ASN C 111 -3.31 -16.50 18.40
C ASN C 111 -3.25 -18.00 18.08
N LYS C 112 -3.98 -18.43 17.06
CA LYS C 112 -3.92 -19.81 16.51
C LYS C 112 -2.54 -20.04 15.90
N PRO C 113 -1.98 -21.26 15.97
CA PRO C 113 -0.65 -21.52 15.42
C PRO C 113 -0.50 -21.16 13.93
N THR C 114 -1.58 -21.27 13.15
CA THR C 114 -1.58 -21.11 11.67
C THR C 114 -1.78 -19.65 11.28
N ASP C 115 -2.17 -18.78 12.22
CA ASP C 115 -2.35 -17.32 11.97
C ASP C 115 -1.03 -16.73 11.47
N ASP C 116 -1.11 -15.85 10.47
CA ASP C 116 0.04 -15.12 9.87
C ASP C 116 0.79 -14.32 10.95
N ILE C 117 0.06 -13.73 11.91
CA ILE C 117 0.66 -12.85 12.95
C ILE C 117 1.70 -13.65 13.75
N VAL C 118 1.52 -14.96 13.92
CA VAL C 118 2.48 -15.82 14.66
C VAL C 118 3.80 -15.88 13.88
N LEU C 119 3.75 -16.08 12.57
CA LEU C 119 4.96 -16.09 11.71
C LEU C 119 5.62 -14.71 11.75
N MET C 120 4.83 -13.64 11.75
CA MET C 120 5.35 -12.25 11.81
C MET C 120 6.11 -12.03 13.14
N ALA C 121 5.52 -12.47 14.26
CA ALA C 121 6.14 -12.40 15.61
C ALA C 121 7.47 -13.18 15.60
N GLN C 122 7.47 -14.42 15.09
CA GLN C 122 8.68 -15.29 15.02
C GLN C 122 9.81 -14.57 14.28
N THR C 123 9.52 -14.00 13.11
CA THR C 123 10.50 -13.26 12.27
C THR C 123 11.08 -12.09 13.06
N LEU C 124 10.23 -11.28 13.68
CA LEU C 124 10.64 -10.09 14.46
C LEU C 124 11.49 -10.53 15.67
N GLU C 125 11.06 -11.58 16.37
CA GLU C 125 11.75 -12.04 17.60
C GLU C 125 13.15 -12.57 17.25
N LYS C 126 13.29 -13.31 16.15
CA LYS C 126 14.61 -13.82 15.69
C LYS C 126 15.56 -12.63 15.49
N ILE C 127 15.09 -11.54 14.88
CA ILE C 127 15.90 -10.30 14.66
C ILE C 127 16.23 -9.67 16.01
N PHE C 128 15.23 -9.54 16.89
CA PHE C 128 15.40 -9.00 18.26
C PHE C 128 16.56 -9.74 18.95
N LEU C 129 16.55 -11.07 18.93
CA LEU C 129 17.56 -11.90 19.65
C LEU C 129 18.94 -11.76 19.00
N GLN C 130 18.99 -11.79 17.67
CA GLN C 130 20.24 -11.55 16.90
C GLN C 130 20.87 -10.25 17.41
N LYS C 131 20.08 -9.17 17.43
CA LYS C 131 20.59 -7.83 17.79
C LYS C 131 20.99 -7.82 19.27
N VAL C 132 20.22 -8.47 20.14
CA VAL C 132 20.50 -8.51 21.62
C VAL C 132 21.85 -9.21 21.85
N ALA C 133 22.20 -10.20 21.03
CA ALA C 133 23.46 -10.98 21.15
C ALA C 133 24.68 -10.06 20.97
N SER C 134 24.56 -9.03 20.12
CA SER C 134 25.65 -8.07 19.77
C SER C 134 25.59 -6.80 20.62
N MET C 135 24.78 -6.81 21.70
CA MET C 135 24.54 -5.63 22.58
C MET C 135 25.78 -5.42 23.45
N PRO C 136 26.17 -4.15 23.76
CA PRO C 136 27.29 -3.89 24.67
C PRO C 136 26.99 -4.34 26.11
N GLN C 137 28.05 -4.43 26.93
N GLN C 137 28.03 -4.46 26.95
CA GLN C 137 27.99 -4.80 28.37
CA GLN C 137 27.91 -4.85 28.38
C GLN C 137 27.58 -3.57 29.19
C GLN C 137 28.08 -3.62 29.27
#